data_9QFF
#
_entry.id   9QFF
#
_cell.length_a   41.458
_cell.length_b   84.691
_cell.length_c   176.383
_cell.angle_alpha   90.00
_cell.angle_beta   90.00
_cell.angle_gamma   90.00
#
_symmetry.space_group_name_H-M   'P 21 21 21'
#
loop_
_entity.id
_entity.type
_entity.pdbx_description
1 polymer 'Son of sevenless homolog 1'
2 non-polymer '3-[[3-(trifluoromethyl)phenyl]methyl]-2~{H}-1$l^{6},2,4-benzothiadiazine 1,1-dioxide'
3 water water
#
_entity_poly.entity_id   1
_entity_poly.type   'polypeptide(L)'
_entity_poly.pdbx_seq_one_letter_code
;GAMAEEQMRLPSADVYRFAEPDSEENIIFEENMQPKAGIPIIKAGTVIKLIERLTYHMYADPNFVRTFLTTYRSFCKPQE
LLSLIIERFEIPEPEPTEADRIAIENGDQPLSAELKRFRKEYIQPVQLRVLNVCRHWVEHHFYDFERDAYLLQRMEEFIG
TVRGKAMKKWVESITKIIQRKKIARDNGPGHNITFQSSPPTVEWHISRPGHIETFDLLTLHPIEIARQLTLLESDLYRAV
QPSELVGSVWTKEDKEINSPNLLKMIRHTTNLTLWFEKCIVETENLEERVAVVSRIIEILQVFQELNNFNGVLEVVSAMN
SSPVYRLDHTFEQIPSRQKKILEEAHELSEDHYKKYLAKLRSINPPCVPFFGIYLTNILKTEEGNPEVLKRHGKELINFS
KRRKVAEITGEIQQYQNQPYCLRVESDIKRFFENLNPMGNSMEKEFTDYLFNKSLEIEPRNPKPLPRFPKKYSYPLKSPG
VRPSNPRPGT
;
_entity_poly.pdbx_strand_id   A
#
# COMPACT_ATOMS: atom_id res chain seq x y z
N ARG A 9 -46.37 -3.83 -7.63
CA ARG A 9 -45.32 -3.75 -8.64
C ARG A 9 -44.14 -4.71 -8.33
N LEU A 10 -43.29 -4.38 -7.33
CA LEU A 10 -42.15 -5.20 -6.95
C LEU A 10 -42.61 -6.53 -6.28
N PRO A 11 -41.82 -7.62 -6.36
CA PRO A 11 -42.27 -8.90 -5.78
C PRO A 11 -42.38 -8.97 -4.25
N SER A 12 -43.13 -9.98 -3.76
CA SER A 12 -43.36 -10.21 -2.34
C SER A 12 -42.20 -11.00 -1.69
N ALA A 13 -42.10 -10.95 -0.34
CA ALA A 13 -41.04 -11.60 0.45
C ALA A 13 -40.91 -13.12 0.23
N ASP A 14 -42.02 -13.83 0.03
CA ASP A 14 -42.01 -15.28 -0.18
C ASP A 14 -41.36 -15.73 -1.51
N VAL A 15 -41.04 -14.78 -2.40
CA VAL A 15 -40.45 -15.14 -3.70
C VAL A 15 -39.17 -14.37 -4.01
N TYR A 16 -38.94 -13.23 -3.35
CA TYR A 16 -37.75 -12.41 -3.60
C TYR A 16 -37.31 -11.71 -2.32
N ARG A 17 -36.04 -11.87 -1.94
CA ARG A 17 -35.48 -11.24 -0.74
C ARG A 17 -34.96 -9.81 -0.97
N PHE A 18 -34.89 -9.36 -2.23
CA PHE A 18 -34.35 -8.06 -2.60
C PHE A 18 -35.40 -6.99 -2.92
N ALA A 19 -36.66 -7.22 -2.53
CA ALA A 19 -37.72 -6.26 -2.82
C ALA A 19 -38.54 -5.83 -1.60
N GLU A 20 -37.92 -5.80 -0.41
CA GLU A 20 -38.58 -5.31 0.80
C GLU A 20 -38.42 -3.78 0.81
N PRO A 21 -39.42 -3.00 1.26
CA PRO A 21 -39.26 -1.53 1.23
C PRO A 21 -38.22 -0.99 2.21
N ASP A 22 -37.59 0.15 1.85
CA ASP A 22 -36.57 0.79 2.69
C ASP A 22 -37.17 1.31 3.99
N SER A 23 -36.43 1.17 5.11
CA SER A 23 -36.86 1.64 6.43
C SER A 23 -35.64 1.95 7.32
N GLU A 24 -35.87 2.52 8.51
CA GLU A 24 -34.77 2.77 9.45
C GLU A 24 -34.25 1.45 10.10
N GLU A 25 -34.89 0.30 9.82
CA GLU A 25 -34.51 -1.02 10.33
C GLU A 25 -33.64 -1.81 9.31
N ASN A 26 -33.48 -1.33 8.04
CA ASN A 26 -32.69 -2.09 7.08
C ASN A 26 -31.72 -1.26 6.19
N ILE A 27 -31.96 0.06 6.02
CA ILE A 27 -31.08 0.89 5.20
C ILE A 27 -31.12 2.37 5.58
N ILE A 28 -29.95 2.94 5.93
CA ILE A 28 -29.87 4.34 6.28
C ILE A 28 -28.91 5.07 5.36
N PHE A 29 -29.31 6.27 4.97
CA PHE A 29 -28.56 7.08 4.02
C PHE A 29 -27.87 8.27 4.68
N GLU A 30 -26.99 8.91 3.93
CA GLU A 30 -26.33 10.16 4.29
C GLU A 30 -27.22 11.32 3.72
N GLU A 31 -26.83 12.58 3.98
CA GLU A 31 -27.59 13.75 3.53
C GLU A 31 -27.78 13.82 2.02
N GLY A 38 -30.31 13.43 -8.06
CA GLY A 38 -29.09 13.18 -7.30
C GLY A 38 -28.99 11.79 -6.70
N ILE A 39 -27.79 11.17 -6.79
CA ILE A 39 -27.61 9.82 -6.28
C ILE A 39 -27.35 9.79 -4.80
N PRO A 40 -28.24 9.14 -4.02
CA PRO A 40 -28.04 9.08 -2.56
C PRO A 40 -26.81 8.23 -2.18
N ILE A 41 -26.26 8.52 -1.00
CA ILE A 41 -25.07 7.83 -0.53
C ILE A 41 -25.38 7.04 0.73
N ILE A 42 -25.29 5.71 0.65
CA ILE A 42 -25.57 4.77 1.74
C ILE A 42 -24.63 4.91 2.92
N LYS A 43 -25.17 5.07 4.13
CA LYS A 43 -24.37 5.16 5.36
C LYS A 43 -24.19 3.76 5.97
N ALA A 44 -25.26 3.01 6.01
CA ALA A 44 -25.29 1.66 6.60
C ALA A 44 -26.52 0.92 6.06
N GLY A 45 -26.48 -0.40 6.10
CA GLY A 45 -27.57 -1.24 5.62
C GLY A 45 -27.29 -2.72 5.80
N THR A 46 -28.33 -3.56 5.73
CA THR A 46 -28.15 -5.01 5.82
C THR A 46 -27.41 -5.46 4.53
N VAL A 47 -26.83 -6.68 4.51
CA VAL A 47 -26.12 -7.15 3.32
C VAL A 47 -27.06 -7.26 2.12
N ILE A 48 -28.32 -7.67 2.37
CA ILE A 48 -29.35 -7.78 1.35
C ILE A 48 -29.64 -6.39 0.79
N LYS A 49 -29.71 -5.36 1.65
CA LYS A 49 -29.99 -3.99 1.21
C LYS A 49 -28.84 -3.40 0.42
N LEU A 50 -27.60 -3.77 0.76
CA LEU A 50 -26.42 -3.28 0.04
C LEU A 50 -26.33 -3.84 -1.38
N ILE A 51 -26.56 -5.16 -1.54
CA ILE A 51 -26.57 -5.85 -2.84
C ILE A 51 -27.64 -5.25 -3.75
N GLU A 52 -28.82 -4.98 -3.17
CA GLU A 52 -29.97 -4.42 -3.88
C GLU A 52 -29.64 -3.04 -4.46
N ARG A 53 -29.09 -2.15 -3.63
CA ARG A 53 -28.70 -0.81 -4.08
C ARG A 53 -27.48 -0.84 -5.01
N LEU A 54 -26.62 -1.87 -4.87
CA LEU A 54 -25.46 -2.12 -5.71
C LEU A 54 -25.86 -2.39 -7.17
N THR A 55 -27.06 -2.92 -7.37
CA THR A 55 -27.66 -3.30 -8.64
C THR A 55 -29.04 -2.63 -8.78
N TYR A 56 -29.14 -1.34 -8.39
CA TYR A 56 -30.40 -0.57 -8.42
C TYR A 56 -30.84 -0.29 -9.86
N HIS A 57 -32.10 -0.64 -10.18
CA HIS A 57 -32.69 -0.51 -11.53
C HIS A 57 -32.92 0.91 -11.98
N MET A 58 -32.99 1.87 -11.05
CA MET A 58 -33.30 3.25 -11.43
C MET A 58 -32.14 4.01 -12.02
N TYR A 59 -30.92 3.80 -11.52
CA TYR A 59 -29.76 4.54 -12.01
C TYR A 59 -28.45 3.74 -11.93
N ALA A 60 -27.41 4.24 -12.66
CA ALA A 60 -26.05 3.72 -12.64
C ALA A 60 -25.33 4.39 -11.46
N ASP A 61 -24.59 3.62 -10.65
CA ASP A 61 -23.90 4.13 -9.47
C ASP A 61 -22.43 3.67 -9.45
N PRO A 62 -21.53 4.26 -10.28
CA PRO A 62 -20.14 3.78 -10.33
C PRO A 62 -19.33 3.92 -9.05
N ASN A 63 -19.61 4.95 -8.25
CA ASN A 63 -18.89 5.16 -6.99
C ASN A 63 -19.24 4.04 -6.02
N PHE A 64 -20.53 3.68 -5.93
CA PHE A 64 -20.94 2.61 -5.02
C PHE A 64 -20.39 1.28 -5.50
N VAL A 65 -20.48 0.98 -6.82
CA VAL A 65 -19.93 -0.26 -7.38
C VAL A 65 -18.43 -0.41 -7.02
N ARG A 66 -17.65 0.62 -7.32
CA ARG A 66 -16.21 0.63 -7.08
C ARG A 66 -15.85 0.44 -5.59
N THR A 67 -16.50 1.21 -4.72
CA THR A 67 -16.26 1.16 -3.27
C THR A 67 -16.72 -0.17 -2.70
N PHE A 68 -17.87 -0.70 -3.18
CA PHE A 68 -18.37 -1.97 -2.68
C PHE A 68 -17.39 -3.09 -3.02
N LEU A 69 -16.88 -3.15 -4.26
CA LEU A 69 -15.97 -4.23 -4.64
C LEU A 69 -14.57 -4.13 -4.04
N THR A 70 -14.20 -2.96 -3.56
CA THR A 70 -12.93 -2.78 -2.87
C THR A 70 -13.06 -3.23 -1.42
N THR A 71 -14.21 -2.90 -0.77
CA THR A 71 -14.38 -3.07 0.68
C THR A 71 -15.21 -4.25 1.17
N TYR A 72 -15.97 -4.89 0.28
CA TYR A 72 -16.91 -5.94 0.64
C TYR A 72 -16.33 -7.08 1.48
N ARG A 73 -15.05 -7.44 1.25
CA ARG A 73 -14.44 -8.55 2.00
C ARG A 73 -14.46 -8.34 3.50
N SER A 74 -14.62 -7.09 3.96
CA SER A 74 -14.71 -6.77 5.39
C SER A 74 -16.06 -7.13 6.01
N PHE A 75 -17.08 -7.50 5.20
CA PHE A 75 -18.39 -7.84 5.75
C PHE A 75 -19.09 -9.00 5.04
N CYS A 76 -18.57 -9.45 3.90
CA CYS A 76 -19.18 -10.52 3.08
C CYS A 76 -18.05 -11.33 2.41
N LYS A 77 -18.16 -12.66 2.38
CA LYS A 77 -17.16 -13.51 1.72
C LYS A 77 -17.39 -13.48 0.22
N PRO A 78 -16.32 -13.61 -0.58
CA PRO A 78 -16.50 -13.66 -2.05
C PRO A 78 -17.58 -14.64 -2.55
N GLN A 79 -17.61 -15.86 -1.97
CA GLN A 79 -18.57 -16.91 -2.26
C GLN A 79 -20.00 -16.47 -1.94
N GLU A 80 -20.19 -15.77 -0.82
CA GLU A 80 -21.51 -15.28 -0.45
C GLU A 80 -21.95 -14.17 -1.41
N LEU A 81 -21.02 -13.29 -1.83
CA LEU A 81 -21.34 -12.18 -2.71
C LEU A 81 -21.83 -12.71 -4.05
N LEU A 82 -21.16 -13.73 -4.61
CA LEU A 82 -21.58 -14.34 -5.87
C LEU A 82 -22.97 -14.97 -5.70
N SER A 83 -23.18 -15.77 -4.65
CA SER A 83 -24.50 -16.35 -4.39
C SER A 83 -25.62 -15.30 -4.29
N LEU A 84 -25.34 -14.14 -3.71
CA LEU A 84 -26.33 -13.08 -3.56
C LEU A 84 -26.60 -12.33 -4.85
N ILE A 85 -25.56 -12.07 -5.67
CA ILE A 85 -25.77 -11.34 -6.91
C ILE A 85 -26.46 -12.19 -7.98
N ILE A 86 -26.24 -13.51 -7.95
CA ILE A 86 -26.85 -14.48 -8.86
C ILE A 86 -28.35 -14.56 -8.54
N GLU A 87 -28.67 -14.62 -7.24
CA GLU A 87 -30.04 -14.68 -6.75
C GLU A 87 -30.76 -13.32 -6.95
N ARG A 88 -30.03 -12.20 -6.89
CA ARG A 88 -30.59 -10.87 -7.15
C ARG A 88 -31.02 -10.77 -8.64
N PHE A 89 -30.26 -11.41 -9.53
CA PHE A 89 -30.47 -11.46 -10.96
C PHE A 89 -31.73 -12.26 -11.30
N GLU A 90 -31.95 -13.38 -10.58
CA GLU A 90 -33.06 -14.31 -10.77
C GLU A 90 -34.43 -13.79 -10.33
N ILE A 91 -34.94 -12.74 -11.00
CA ILE A 91 -36.26 -12.19 -10.67
C ILE A 91 -37.36 -13.03 -11.32
N PRO A 92 -38.26 -13.57 -10.49
CA PRO A 92 -39.38 -14.33 -11.04
C PRO A 92 -40.54 -13.39 -11.42
N GLU A 114 -49.24 -6.54 -17.42
CA GLU A 114 -48.19 -5.96 -16.58
C GLU A 114 -46.82 -6.66 -16.70
N LEU A 115 -46.78 -7.89 -17.26
CA LEU A 115 -45.55 -8.66 -17.42
C LEU A 115 -44.61 -8.13 -18.53
N LYS A 116 -45.11 -7.22 -19.38
CA LYS A 116 -44.34 -6.61 -20.47
C LYS A 116 -43.48 -5.48 -19.90
N ARG A 117 -44.09 -4.62 -19.07
CA ARG A 117 -43.36 -3.52 -18.41
C ARG A 117 -42.56 -4.01 -17.21
N PHE A 118 -42.91 -5.18 -16.62
CA PHE A 118 -42.15 -5.72 -15.49
C PHE A 118 -40.76 -6.18 -15.95
N ARG A 119 -40.68 -6.79 -17.14
CA ARG A 119 -39.41 -7.24 -17.67
C ARG A 119 -38.58 -6.07 -18.18
N LYS A 120 -39.24 -5.09 -18.83
CA LYS A 120 -38.53 -3.94 -19.39
C LYS A 120 -37.97 -2.94 -18.37
N GLU A 121 -38.76 -2.54 -17.37
CA GLU A 121 -38.31 -1.51 -16.42
C GLU A 121 -37.72 -2.03 -15.10
N TYR A 122 -37.82 -3.35 -14.83
CA TYR A 122 -37.28 -3.88 -13.58
C TYR A 122 -36.33 -5.06 -13.76
N ILE A 123 -36.77 -6.14 -14.42
CA ILE A 123 -35.92 -7.31 -14.61
C ILE A 123 -34.65 -7.01 -15.44
N GLN A 124 -34.81 -6.50 -16.68
CA GLN A 124 -33.68 -6.15 -17.56
C GLN A 124 -32.71 -5.12 -16.96
N PRO A 125 -33.13 -3.96 -16.38
CA PRO A 125 -32.16 -3.02 -15.80
C PRO A 125 -31.34 -3.59 -14.64
N VAL A 126 -31.97 -4.39 -13.75
CA VAL A 126 -31.33 -5.06 -12.61
C VAL A 126 -30.34 -6.10 -13.11
N GLN A 127 -30.73 -6.92 -14.10
CA GLN A 127 -29.86 -7.93 -14.66
C GLN A 127 -28.65 -7.31 -15.34
N LEU A 128 -28.82 -6.15 -16.00
CA LEU A 128 -27.68 -5.45 -16.60
C LEU A 128 -26.77 -4.82 -15.51
N ARG A 129 -27.35 -4.44 -14.38
CA ARG A 129 -26.57 -3.91 -13.27
C ARG A 129 -25.74 -5.05 -12.64
N VAL A 130 -26.31 -6.28 -12.54
CA VAL A 130 -25.61 -7.48 -12.04
C VAL A 130 -24.43 -7.81 -12.95
N LEU A 131 -24.65 -7.77 -14.27
CA LEU A 131 -23.58 -8.02 -15.23
C LEU A 131 -22.48 -6.96 -15.13
N ASN A 132 -22.85 -5.68 -14.95
CA ASN A 132 -21.88 -4.59 -14.78
C ASN A 132 -21.02 -4.84 -13.55
N VAL A 133 -21.61 -5.36 -12.46
CA VAL A 133 -20.92 -5.70 -11.22
C VAL A 133 -19.94 -6.85 -11.49
N CYS A 134 -20.36 -7.88 -12.26
CA CYS A 134 -19.46 -8.98 -12.63
C CYS A 134 -18.28 -8.46 -13.45
N ARG A 135 -18.54 -7.53 -14.40
CA ARG A 135 -17.49 -6.93 -15.24
C ARG A 135 -16.45 -6.23 -14.37
N HIS A 136 -16.87 -5.26 -13.54
CA HIS A 136 -15.98 -4.53 -12.63
C HIS A 136 -15.22 -5.51 -11.71
N TRP A 137 -15.92 -6.53 -11.19
CA TRP A 137 -15.35 -7.54 -10.28
C TRP A 137 -14.19 -8.28 -10.93
N VAL A 138 -14.41 -8.92 -12.09
CA VAL A 138 -13.35 -9.68 -12.77
C VAL A 138 -12.20 -8.76 -13.26
N GLU A 139 -12.50 -7.52 -13.73
CA GLU A 139 -11.50 -6.57 -14.23
C GLU A 139 -10.60 -5.97 -13.16
N HIS A 140 -11.19 -5.54 -12.03
CA HIS A 140 -10.41 -4.87 -11.00
C HIS A 140 -10.07 -5.73 -9.80
N HIS A 141 -10.67 -6.91 -9.64
CA HIS A 141 -10.42 -7.75 -8.47
C HIS A 141 -10.25 -9.19 -8.84
N PHE A 142 -9.59 -9.47 -9.97
CA PHE A 142 -9.41 -10.85 -10.42
C PHE A 142 -8.75 -11.75 -9.39
N TYR A 143 -7.92 -11.19 -8.47
CA TYR A 143 -7.22 -11.96 -7.44
C TYR A 143 -8.15 -12.87 -6.63
N ASP A 144 -9.44 -12.53 -6.53
CA ASP A 144 -10.39 -13.37 -5.82
C ASP A 144 -10.68 -14.68 -6.57
N PHE A 145 -10.70 -14.61 -7.90
CA PHE A 145 -10.95 -15.77 -8.75
C PHE A 145 -9.69 -16.63 -8.92
N GLU A 146 -8.49 -16.04 -8.69
CA GLU A 146 -7.15 -16.64 -8.73
C GLU A 146 -6.94 -17.43 -7.44
N ARG A 147 -7.28 -16.80 -6.28
CA ARG A 147 -7.19 -17.37 -4.94
C ARG A 147 -8.21 -18.49 -4.75
N ASP A 148 -9.40 -18.36 -5.36
CA ASP A 148 -10.42 -19.39 -5.27
C ASP A 148 -10.78 -19.88 -6.66
N ALA A 149 -10.35 -21.10 -7.02
CA ALA A 149 -10.64 -21.65 -8.33
C ALA A 149 -12.13 -21.98 -8.49
N TYR A 150 -12.77 -22.47 -7.40
CA TYR A 150 -14.18 -22.81 -7.41
C TYR A 150 -15.07 -21.56 -7.58
N LEU A 151 -14.62 -20.39 -7.10
CA LEU A 151 -15.36 -19.14 -7.27
C LEU A 151 -15.47 -18.82 -8.77
N LEU A 152 -14.34 -18.94 -9.49
CA LEU A 152 -14.24 -18.69 -10.92
C LEU A 152 -15.11 -19.65 -11.71
N GLN A 153 -15.14 -20.95 -11.32
CA GLN A 153 -15.96 -22.00 -11.94
C GLN A 153 -17.44 -21.61 -11.87
N ARG A 154 -17.88 -21.05 -10.72
CA ARG A 154 -19.25 -20.62 -10.54
C ARG A 154 -19.60 -19.39 -11.38
N MET A 155 -18.67 -18.42 -11.43
CA MET A 155 -18.82 -17.17 -12.19
C MET A 155 -18.92 -17.45 -13.70
N GLU A 156 -18.06 -18.33 -14.23
CA GLU A 156 -18.14 -18.70 -15.66
C GLU A 156 -19.39 -19.53 -15.96
N GLU A 157 -19.82 -20.35 -15.01
CA GLU A 157 -21.03 -21.16 -15.16
C GLU A 157 -22.23 -20.24 -15.20
N PHE A 158 -22.24 -19.18 -14.37
CA PHE A 158 -23.32 -18.20 -14.30
C PHE A 158 -23.36 -17.37 -15.60
N ILE A 159 -22.21 -16.84 -16.02
CA ILE A 159 -22.15 -16.03 -17.24
C ILE A 159 -22.49 -16.87 -18.48
N GLY A 160 -22.05 -18.13 -18.50
CA GLY A 160 -22.29 -19.06 -19.61
C GLY A 160 -23.71 -19.56 -19.72
N THR A 161 -24.52 -19.36 -18.67
CA THR A 161 -25.92 -19.80 -18.66
C THR A 161 -26.93 -18.65 -18.88
N VAL A 162 -26.44 -17.40 -19.00
CA VAL A 162 -27.29 -16.22 -19.11
C VAL A 162 -28.17 -16.21 -20.38
N ARG A 163 -27.57 -16.18 -21.58
CA ARG A 163 -28.34 -16.09 -22.85
C ARG A 163 -29.02 -14.69 -22.87
N GLY A 164 -30.26 -14.56 -23.37
CA GLY A 164 -30.92 -13.26 -23.41
C GLY A 164 -30.67 -12.49 -24.70
N LYS A 165 -31.23 -11.28 -24.79
CA LYS A 165 -31.11 -10.47 -25.99
C LYS A 165 -29.94 -9.50 -25.94
N ALA A 166 -30.00 -8.53 -25.02
CA ALA A 166 -28.93 -7.53 -24.83
C ALA A 166 -27.78 -8.06 -23.97
N MET A 167 -27.98 -9.18 -23.25
CA MET A 167 -26.95 -9.74 -22.38
C MET A 167 -25.77 -10.31 -23.15
N LYS A 168 -25.94 -10.66 -24.46
CA LYS A 168 -24.85 -11.23 -25.24
C LYS A 168 -23.57 -10.38 -25.21
N LYS A 169 -23.71 -9.07 -25.43
CA LYS A 169 -22.57 -8.13 -25.43
C LYS A 169 -21.92 -8.03 -24.04
N TRP A 170 -22.73 -8.19 -22.98
CA TRP A 170 -22.29 -8.19 -21.60
C TRP A 170 -21.53 -9.47 -21.28
N VAL A 171 -22.08 -10.62 -21.68
CA VAL A 171 -21.47 -11.94 -21.49
C VAL A 171 -20.14 -12.00 -22.28
N GLU A 172 -20.06 -11.33 -23.44
CA GLU A 172 -18.87 -11.32 -24.29
C GLU A 172 -17.76 -10.45 -23.75
N SER A 173 -18.07 -9.26 -23.18
CA SER A 173 -17.01 -8.41 -22.61
C SER A 173 -16.43 -9.06 -21.36
N ILE A 174 -17.30 -9.64 -20.52
CA ILE A 174 -16.93 -10.33 -19.29
C ILE A 174 -16.06 -11.52 -19.63
N THR A 175 -16.44 -12.29 -20.67
CA THR A 175 -15.68 -13.45 -21.09
C THR A 175 -14.28 -13.06 -21.55
N LYS A 176 -14.14 -11.96 -22.33
CA LYS A 176 -12.83 -11.50 -22.81
C LYS A 176 -11.92 -11.02 -21.68
N ILE A 177 -12.51 -10.42 -20.63
CA ILE A 177 -11.74 -9.96 -19.49
C ILE A 177 -11.20 -11.16 -18.71
N ILE A 178 -12.05 -12.20 -18.48
CA ILE A 178 -11.60 -13.42 -17.80
C ILE A 178 -10.49 -14.10 -18.62
N GLN A 179 -10.62 -14.09 -19.96
CA GLN A 179 -9.61 -14.65 -20.86
C GLN A 179 -8.28 -13.89 -20.69
N ARG A 180 -8.32 -12.54 -20.73
CA ARG A 180 -7.14 -11.69 -20.61
C ARG A 180 -6.44 -11.87 -19.27
N LYS A 181 -7.22 -11.99 -18.19
CA LYS A 181 -6.72 -12.17 -16.83
C LYS A 181 -6.08 -13.54 -16.63
N LYS A 182 -6.65 -14.58 -17.26
CA LYS A 182 -6.14 -15.95 -17.17
C LYS A 182 -4.81 -16.06 -17.92
N ILE A 183 -4.72 -15.38 -19.08
CA ILE A 183 -3.54 -15.34 -19.95
C ILE A 183 -2.40 -14.55 -19.30
N ALA A 184 -2.68 -13.36 -18.76
CA ALA A 184 -1.65 -12.54 -18.10
C ALA A 184 -1.07 -13.20 -16.87
N ARG A 185 -1.87 -14.03 -16.17
CA ARG A 185 -1.41 -14.76 -14.99
C ARG A 185 -0.48 -15.90 -15.41
N ASP A 186 -0.84 -16.61 -16.49
CA ASP A 186 -0.03 -17.72 -17.00
C ASP A 186 1.18 -17.22 -17.78
N THR A 194 12.18 1.52 -21.82
CA THR A 194 10.93 2.28 -21.94
C THR A 194 11.10 3.69 -21.36
N PHE A 195 12.22 4.35 -21.67
CA PHE A 195 12.48 5.69 -21.14
C PHE A 195 12.00 6.82 -22.04
N GLN A 196 11.43 7.86 -21.41
CA GLN A 196 10.94 9.04 -22.12
C GLN A 196 12.10 9.94 -22.57
N SER A 197 13.18 9.99 -21.76
CA SER A 197 14.44 10.71 -22.01
C SER A 197 15.65 9.85 -21.53
N SER A 198 16.89 10.25 -21.86
CA SER A 198 18.08 9.49 -21.51
C SER A 198 18.32 9.39 -20.01
N PRO A 199 18.16 8.17 -19.44
CA PRO A 199 18.40 8.01 -18.01
C PRO A 199 19.88 8.20 -17.70
N PRO A 200 20.18 8.84 -16.56
CA PRO A 200 21.59 9.10 -16.23
C PRO A 200 22.43 7.85 -16.05
N THR A 201 23.72 8.02 -16.24
CA THR A 201 24.67 6.94 -16.08
C THR A 201 24.71 6.43 -14.64
N VAL A 202 24.62 5.09 -14.48
CA VAL A 202 24.71 4.39 -13.20
C VAL A 202 26.06 4.74 -12.54
N GLU A 203 26.01 5.20 -11.30
CA GLU A 203 27.16 5.65 -10.50
C GLU A 203 27.78 4.53 -9.67
N TRP A 204 29.13 4.46 -9.72
CA TRP A 204 29.93 3.50 -8.93
C TRP A 204 30.98 4.21 -8.07
N HIS A 205 31.32 3.61 -6.94
CA HIS A 205 32.22 4.22 -5.97
C HIS A 205 33.41 3.26 -5.66
N ILE A 206 33.44 2.54 -4.51
CA ILE A 206 34.55 1.63 -4.23
C ILE A 206 34.28 0.32 -4.92
N SER A 207 33.07 -0.21 -4.73
CA SER A 207 32.68 -1.45 -5.39
C SER A 207 32.58 -1.26 -6.92
N ARG A 208 33.33 -2.05 -7.65
CA ARG A 208 33.27 -2.03 -9.12
C ARG A 208 32.00 -2.81 -9.54
N PRO A 209 31.42 -2.56 -10.74
CA PRO A 209 30.26 -3.35 -11.17
C PRO A 209 30.52 -4.86 -11.13
N GLY A 210 29.54 -5.64 -10.68
CA GLY A 210 29.64 -7.09 -10.60
C GLY A 210 30.39 -7.63 -9.40
N HIS A 211 31.00 -6.78 -8.59
CA HIS A 211 31.76 -7.22 -7.41
C HIS A 211 30.83 -7.21 -6.20
N ILE A 212 29.76 -7.98 -6.29
CA ILE A 212 28.67 -8.05 -5.30
C ILE A 212 29.08 -8.42 -3.90
N GLU A 213 30.18 -9.15 -3.74
CA GLU A 213 30.67 -9.56 -2.43
C GLU A 213 31.26 -8.40 -1.62
N THR A 214 31.59 -7.26 -2.27
CA THR A 214 32.09 -6.09 -1.53
C THR A 214 31.01 -5.00 -1.33
N PHE A 215 29.78 -5.20 -1.91
CA PHE A 215 28.68 -4.23 -1.82
C PHE A 215 28.33 -3.96 -0.39
N ASP A 216 28.19 -2.67 -0.04
CA ASP A 216 27.85 -2.26 1.31
C ASP A 216 27.44 -0.78 1.35
N LEU A 217 27.06 -0.25 2.53
CA LEU A 217 26.63 1.13 2.66
C LEU A 217 27.69 2.12 2.12
N LEU A 218 28.95 1.91 2.49
CA LEU A 218 30.03 2.83 2.13
C LEU A 218 30.79 2.50 0.84
N THR A 219 30.63 1.29 0.28
CA THR A 219 31.33 0.91 -0.94
C THR A 219 30.51 1.17 -2.21
N LEU A 220 29.18 1.13 -2.11
CA LEU A 220 28.34 1.50 -3.26
C LEU A 220 28.28 3.04 -3.33
N HIS A 221 27.89 3.61 -4.47
CA HIS A 221 27.80 5.08 -4.58
C HIS A 221 26.52 5.54 -3.88
N PRO A 222 26.59 6.57 -2.99
CA PRO A 222 25.37 7.02 -2.31
C PRO A 222 24.25 7.43 -3.28
N ILE A 223 24.61 7.96 -4.48
CA ILE A 223 23.61 8.35 -5.46
C ILE A 223 22.91 7.09 -6.00
N GLU A 224 23.69 6.04 -6.30
CA GLU A 224 23.10 4.82 -6.84
C GLU A 224 22.28 4.07 -5.81
N ILE A 225 22.62 4.19 -4.51
CA ILE A 225 21.86 3.55 -3.43
C ILE A 225 20.45 4.16 -3.42
N ALA A 226 20.39 5.49 -3.42
CA ALA A 226 19.12 6.21 -3.41
C ALA A 226 18.25 5.95 -4.66
N ARG A 227 18.86 5.91 -5.84
CA ARG A 227 18.16 5.64 -7.11
C ARG A 227 17.60 4.20 -7.13
N GLN A 228 18.46 3.24 -6.75
CA GLN A 228 18.06 1.84 -6.76
C GLN A 228 17.02 1.55 -5.73
N LEU A 229 17.15 2.18 -4.54
CA LEU A 229 16.13 2.03 -3.50
C LEU A 229 14.84 2.71 -3.89
N THR A 230 14.90 3.83 -4.63
CA THR A 230 13.71 4.51 -5.12
C THR A 230 12.96 3.67 -6.16
N LEU A 231 13.66 2.99 -7.09
CA LEU A 231 13.02 2.12 -8.09
C LEU A 231 12.34 0.96 -7.36
N LEU A 232 13.03 0.36 -6.37
CA LEU A 232 12.51 -0.76 -5.59
C LEU A 232 11.26 -0.29 -4.82
N GLU A 233 11.34 0.87 -4.19
CA GLU A 233 10.22 1.40 -3.41
C GLU A 233 9.07 1.84 -4.28
N SER A 234 9.36 2.39 -5.45
CA SER A 234 8.36 2.80 -6.43
C SER A 234 7.60 1.57 -6.89
N ASP A 235 8.31 0.48 -7.23
CA ASP A 235 7.61 -0.75 -7.67
C ASP A 235 6.77 -1.34 -6.54
N LEU A 236 7.25 -1.26 -5.29
CA LEU A 236 6.51 -1.78 -4.15
C LEU A 236 5.24 -0.99 -3.92
N TYR A 237 5.35 0.35 -3.94
CA TYR A 237 4.23 1.26 -3.77
C TYR A 237 3.15 0.99 -4.82
N ARG A 238 3.59 0.88 -6.10
CA ARG A 238 2.71 0.71 -7.27
C ARG A 238 1.96 -0.63 -7.25
N ALA A 239 2.53 -1.67 -6.61
CA ALA A 239 1.92 -2.99 -6.56
C ALA A 239 0.79 -3.18 -5.57
N VAL A 240 0.64 -2.29 -4.58
CA VAL A 240 -0.40 -2.43 -3.55
C VAL A 240 -1.82 -2.22 -4.09
N GLN A 241 -2.70 -3.19 -3.84
CA GLN A 241 -4.12 -3.10 -4.23
C GLN A 241 -4.96 -2.57 -3.05
N PRO A 242 -6.04 -1.80 -3.30
CA PRO A 242 -6.80 -1.19 -2.18
C PRO A 242 -7.41 -2.15 -1.17
N SER A 243 -7.82 -3.34 -1.60
CA SER A 243 -8.43 -4.31 -0.69
C SER A 243 -7.44 -4.86 0.32
N GLU A 244 -6.14 -4.82 0.03
CA GLU A 244 -5.12 -5.25 1.02
C GLU A 244 -5.13 -4.35 2.27
N LEU A 245 -5.66 -3.14 2.16
CA LEU A 245 -5.72 -2.16 3.24
C LEU A 245 -7.08 -2.05 3.93
N VAL A 246 -8.05 -2.91 3.63
CA VAL A 246 -9.39 -2.82 4.20
C VAL A 246 -9.60 -3.80 5.38
N GLY A 247 -10.22 -3.33 6.45
CA GLY A 247 -10.56 -4.15 7.61
C GLY A 247 -9.38 -4.78 8.32
N SER A 248 -8.21 -4.09 8.28
CA SER A 248 -7.00 -4.55 8.92
C SER A 248 -6.63 -6.00 8.55
N VAL A 249 -6.82 -6.39 7.27
CA VAL A 249 -6.54 -7.80 6.89
C VAL A 249 -5.06 -8.18 6.97
N TRP A 250 -4.17 -7.19 6.91
CA TRP A 250 -2.74 -7.45 6.95
C TRP A 250 -2.20 -7.80 8.35
N THR A 251 -3.04 -7.67 9.40
CA THR A 251 -2.74 -8.01 10.78
C THR A 251 -3.53 -9.26 11.29
N LYS A 252 -4.31 -9.93 10.38
CA LYS A 252 -5.15 -11.10 10.64
C LYS A 252 -4.56 -12.39 10.05
N GLU A 253 -4.96 -13.57 10.59
CA GLU A 253 -4.51 -14.92 10.26
C GLU A 253 -4.16 -15.20 8.77
N ASP A 254 -5.00 -14.74 7.81
CA ASP A 254 -4.71 -15.00 6.39
C ASP A 254 -4.13 -13.75 5.68
N LYS A 255 -3.20 -13.05 6.36
CA LYS A 255 -2.57 -11.82 5.88
C LYS A 255 -1.70 -12.01 4.65
N GLU A 256 -0.97 -13.15 4.56
CA GLU A 256 -0.07 -13.41 3.44
C GLU A 256 -0.79 -13.54 2.11
N ILE A 257 -2.03 -14.05 2.14
CA ILE A 257 -2.90 -14.21 0.98
C ILE A 257 -3.64 -12.91 0.62
N ASN A 258 -4.18 -12.20 1.62
CA ASN A 258 -4.99 -11.01 1.37
C ASN A 258 -4.21 -9.74 1.13
N SER A 259 -3.02 -9.63 1.74
CA SER A 259 -2.20 -8.43 1.61
C SER A 259 -0.71 -8.69 1.23
N PRO A 260 -0.38 -9.51 0.21
CA PRO A 260 1.04 -9.80 -0.09
C PRO A 260 1.88 -8.60 -0.53
N ASN A 261 1.29 -7.67 -1.30
CA ASN A 261 2.02 -6.49 -1.77
C ASN A 261 2.23 -5.48 -0.66
N LEU A 262 1.19 -5.29 0.22
CA LEU A 262 1.27 -4.39 1.38
C LEU A 262 2.31 -4.92 2.35
N LEU A 263 2.28 -6.24 2.63
CA LEU A 263 3.25 -6.86 3.53
C LEU A 263 4.68 -6.72 3.01
N LYS A 264 4.88 -6.89 1.70
CA LYS A 264 6.21 -6.71 1.11
C LYS A 264 6.72 -5.28 1.32
N MET A 265 5.84 -4.28 1.16
CA MET A 265 6.14 -2.85 1.39
C MET A 265 6.54 -2.56 2.85
N ILE A 266 5.77 -3.04 3.83
CA ILE A 266 6.08 -2.80 5.25
C ILE A 266 7.35 -3.54 5.65
N ARG A 267 7.55 -4.78 5.11
CA ARG A 267 8.77 -5.51 5.43
C ARG A 267 9.98 -4.84 4.85
N HIS A 268 9.86 -4.20 3.64
CA HIS A 268 11.01 -3.48 3.08
C HIS A 268 11.36 -2.30 4.00
N THR A 269 10.37 -1.49 4.39
CA THR A 269 10.57 -0.37 5.31
C THR A 269 11.27 -0.80 6.63
N THR A 270 10.82 -1.91 7.23
CA THR A 270 11.41 -2.48 8.44
C THR A 270 12.86 -2.92 8.20
N ASN A 271 13.12 -3.71 7.13
CA ASN A 271 14.46 -4.17 6.81
C ASN A 271 15.46 -3.03 6.52
N LEU A 272 15.04 -1.99 5.75
CA LEU A 272 15.88 -0.83 5.44
C LEU A 272 16.20 0.06 6.65
N THR A 273 15.16 0.43 7.42
CA THR A 273 15.30 1.25 8.62
C THR A 273 16.20 0.52 9.63
N LEU A 274 15.93 -0.79 9.87
CA LEU A 274 16.75 -1.56 10.81
C LEU A 274 18.17 -1.80 10.31
N TRP A 275 18.38 -1.94 8.99
CA TRP A 275 19.72 -2.08 8.43
C TRP A 275 20.50 -0.78 8.58
N PHE A 276 19.88 0.41 8.39
CA PHE A 276 20.58 1.68 8.56
C PHE A 276 21.06 1.81 10.02
N GLU A 277 20.21 1.41 10.98
CA GLU A 277 20.52 1.45 12.41
C GLU A 277 21.63 0.47 12.74
N LYS A 278 21.58 -0.72 12.16
CA LYS A 278 22.62 -1.72 12.37
C LYS A 278 23.99 -1.25 11.81
N CYS A 279 23.97 -0.59 10.63
CA CYS A 279 25.19 -0.02 10.02
C CYS A 279 25.82 1.00 11.00
N ILE A 280 24.96 1.79 11.67
CA ILE A 280 25.38 2.84 12.59
C ILE A 280 25.94 2.29 13.93
N VAL A 281 25.13 1.54 14.72
CA VAL A 281 25.62 1.09 16.04
C VAL A 281 26.72 0.01 15.95
N GLU A 282 26.78 -0.74 14.85
CA GLU A 282 27.81 -1.76 14.69
C GLU A 282 29.15 -1.18 14.23
N THR A 283 29.20 0.12 13.86
CA THR A 283 30.44 0.83 13.58
C THR A 283 30.86 1.49 14.92
N GLU A 284 31.66 0.76 15.68
CA GLU A 284 32.10 1.13 17.03
C GLU A 284 33.06 2.30 17.09
N ASN A 285 33.93 2.44 16.10
CA ASN A 285 34.85 3.56 16.06
C ASN A 285 34.02 4.82 15.80
N LEU A 286 34.18 5.85 16.65
CA LEU A 286 33.46 7.10 16.51
C LEU A 286 33.62 7.79 15.13
N GLU A 287 34.86 7.99 14.63
CA GLU A 287 35.14 8.64 13.34
C GLU A 287 34.52 7.89 12.16
N GLU A 288 34.55 6.55 12.23
CA GLU A 288 33.90 5.75 11.17
C GLU A 288 32.39 5.81 11.29
N ARG A 289 31.86 5.96 12.51
CA ARG A 289 30.42 6.04 12.70
C ARG A 289 29.89 7.39 12.18
N VAL A 290 30.71 8.46 12.27
CA VAL A 290 30.35 9.77 11.71
C VAL A 290 30.24 9.66 10.22
N ALA A 291 31.23 8.96 9.58
CA ALA A 291 31.21 8.64 8.14
C ALA A 291 29.95 7.89 7.73
N VAL A 292 29.55 6.86 8.51
CA VAL A 292 28.36 6.06 8.22
C VAL A 292 27.10 6.93 8.32
N VAL A 293 26.87 7.63 9.43
CA VAL A 293 25.69 8.48 9.62
C VAL A 293 25.62 9.57 8.53
N SER A 294 26.74 10.16 8.24
CA SER A 294 26.86 11.20 7.22
C SER A 294 26.58 10.64 5.82
N ARG A 295 26.88 9.37 5.56
CA ARG A 295 26.60 8.76 4.26
C ARG A 295 25.09 8.54 4.13
N ILE A 296 24.43 8.10 5.22
CA ILE A 296 22.98 7.93 5.26
C ILE A 296 22.27 9.25 5.02
N ILE A 297 22.77 10.33 5.57
CA ILE A 297 22.19 11.66 5.32
C ILE A 297 22.32 12.05 3.85
N GLU A 298 23.42 11.63 3.20
CA GLU A 298 23.60 11.92 1.77
C GLU A 298 22.64 11.15 0.89
N ILE A 299 22.34 9.91 1.28
CA ILE A 299 21.35 9.10 0.61
C ILE A 299 19.97 9.77 0.75
N LEU A 300 19.64 10.31 1.97
CA LEU A 300 18.36 11.00 2.17
C LEU A 300 18.27 12.21 1.27
N GLN A 301 19.37 12.94 1.06
CA GLN A 301 19.37 14.12 0.19
C GLN A 301 19.11 13.76 -1.24
N VAL A 302 19.55 12.57 -1.69
CA VAL A 302 19.30 12.14 -3.06
C VAL A 302 17.83 11.68 -3.17
N PHE A 303 17.28 11.04 -2.10
CA PHE A 303 15.86 10.70 -1.99
C PHE A 303 15.03 11.99 -2.08
N GLN A 304 15.47 13.09 -1.49
CA GLN A 304 14.73 14.38 -1.58
C GLN A 304 14.76 14.93 -2.99
N GLU A 305 15.91 14.81 -3.68
CA GLU A 305 16.01 15.23 -5.09
C GLU A 305 15.06 14.43 -5.96
N LEU A 306 14.92 13.12 -5.64
CA LEU A 306 14.07 12.20 -6.38
C LEU A 306 12.59 12.27 -5.97
N ASN A 307 12.26 13.02 -4.91
CA ASN A 307 10.94 13.13 -4.29
C ASN A 307 10.45 11.73 -3.84
N ASN A 308 11.39 10.93 -3.34
CA ASN A 308 11.04 9.67 -2.76
C ASN A 308 10.88 9.99 -1.26
N PHE A 309 9.67 10.39 -0.87
CA PHE A 309 9.34 10.70 0.51
C PHE A 309 9.31 9.48 1.40
N ASN A 310 9.05 8.33 0.84
CA ASN A 310 9.06 7.07 1.55
C ASN A 310 10.46 6.81 2.08
N GLY A 311 11.47 7.00 1.21
CA GLY A 311 12.88 6.86 1.54
C GLY A 311 13.33 7.88 2.57
N VAL A 312 12.96 9.18 2.37
CA VAL A 312 13.29 10.26 3.32
C VAL A 312 12.87 9.91 4.76
N LEU A 313 11.60 9.48 4.92
CA LEU A 313 11.07 9.16 6.24
C LEU A 313 11.58 7.80 6.79
N GLU A 314 12.14 6.89 5.96
CA GLU A 314 12.83 5.70 6.47
C GLU A 314 14.19 6.14 7.07
N VAL A 315 14.84 7.19 6.48
CA VAL A 315 16.11 7.69 7.02
C VAL A 315 15.79 8.42 8.33
N VAL A 316 14.79 9.30 8.30
CA VAL A 316 14.36 10.03 9.49
C VAL A 316 13.95 9.04 10.61
N SER A 317 13.30 7.96 10.24
CA SER A 317 12.86 6.97 11.21
C SER A 317 14.09 6.28 11.87
N ALA A 318 15.10 5.94 11.09
CA ALA A 318 16.32 5.32 11.62
C ALA A 318 17.09 6.33 12.52
N MET A 319 17.12 7.62 12.12
CA MET A 319 17.80 8.66 12.87
C MET A 319 17.10 9.00 14.21
N ASN A 320 15.78 8.84 14.24
CA ASN A 320 15.02 9.13 15.46
C ASN A 320 14.91 7.89 16.37
N SER A 321 15.32 6.69 15.91
CA SER A 321 15.18 5.48 16.73
C SER A 321 15.98 5.57 18.01
N SER A 322 15.52 4.89 19.05
CA SER A 322 16.20 4.93 20.36
C SER A 322 17.73 4.66 20.32
N PRO A 323 18.30 3.68 19.57
CA PRO A 323 19.75 3.49 19.59
C PRO A 323 20.55 4.57 18.87
N VAL A 324 19.95 5.18 17.84
CA VAL A 324 20.66 6.19 17.04
C VAL A 324 20.50 7.61 17.57
N TYR A 325 19.24 8.01 17.87
CA TYR A 325 18.91 9.35 18.37
C TYR A 325 19.76 9.83 19.59
N ARG A 326 20.11 8.91 20.50
CA ARG A 326 20.89 9.18 21.70
C ARG A 326 22.41 9.20 21.46
N LEU A 327 22.89 9.10 20.20
CA LEU A 327 24.34 9.15 19.94
C LEU A 327 24.80 10.59 19.78
N ASP A 328 25.05 11.29 20.92
CA ASP A 328 25.45 12.69 20.94
C ASP A 328 26.80 12.96 20.41
N HIS A 329 27.76 12.09 20.71
CA HIS A 329 29.13 12.30 20.24
C HIS A 329 29.23 12.12 18.71
N THR A 330 28.34 11.31 18.11
CA THR A 330 28.37 11.09 16.68
C THR A 330 27.76 12.29 15.96
N PHE A 331 26.61 12.74 16.41
CA PHE A 331 25.91 13.87 15.79
C PHE A 331 26.64 15.19 15.98
N GLU A 332 27.43 15.35 17.06
CA GLU A 332 28.24 16.55 17.27
C GLU A 332 29.24 16.77 16.10
N GLN A 333 29.76 15.68 15.55
CA GLN A 333 30.69 15.76 14.42
C GLN A 333 30.00 15.92 13.07
N ILE A 334 28.67 15.64 12.96
CA ILE A 334 27.96 15.81 11.71
C ILE A 334 27.89 17.30 11.32
N PRO A 335 28.39 17.67 10.13
CA PRO A 335 28.36 19.10 9.72
C PRO A 335 27.00 19.75 9.86
N SER A 336 27.02 21.05 10.13
CA SER A 336 25.80 21.83 10.33
C SER A 336 24.80 21.75 9.19
N ARG A 337 25.28 21.87 7.95
CA ARG A 337 24.43 21.82 6.77
C ARG A 337 23.67 20.48 6.70
N GLN A 338 24.38 19.39 7.06
CA GLN A 338 23.86 18.03 7.07
C GLN A 338 22.88 17.84 8.19
N LYS A 339 23.15 18.43 9.38
CA LYS A 339 22.23 18.37 10.52
C LYS A 339 20.90 19.05 10.14
N LYS A 340 20.98 20.22 9.44
CA LYS A 340 19.85 21.01 8.96
C LYS A 340 18.99 20.20 7.96
N ILE A 341 19.64 19.42 7.10
CA ILE A 341 18.94 18.56 6.14
C ILE A 341 18.11 17.51 6.91
N LEU A 342 18.69 16.89 7.94
CA LEU A 342 18.00 15.89 8.75
C LEU A 342 16.87 16.53 9.57
N GLU A 343 17.06 17.78 10.02
CA GLU A 343 16.00 18.46 10.79
C GLU A 343 14.83 18.81 9.89
N GLU A 344 15.09 19.39 8.70
CA GLU A 344 14.00 19.73 7.78
C GLU A 344 13.23 18.49 7.31
N ALA A 345 13.90 17.34 7.22
CA ALA A 345 13.24 16.09 6.88
C ALA A 345 12.33 15.67 8.02
N HIS A 346 12.78 15.81 9.28
CA HIS A 346 11.95 15.47 10.45
C HIS A 346 10.72 16.37 10.55
N GLU A 347 10.92 17.67 10.32
CA GLU A 347 9.88 18.68 10.37
C GLU A 347 8.71 18.44 9.42
N LEU A 348 8.90 17.56 8.42
CA LEU A 348 7.85 17.15 7.50
C LEU A 348 6.77 16.43 8.28
N SER A 349 7.14 15.60 9.29
CA SER A 349 6.25 14.83 10.15
C SER A 349 5.50 15.67 11.17
N GLU A 350 6.08 16.79 11.57
CA GLU A 350 5.50 17.67 12.58
C GLU A 350 4.12 18.18 12.23
N ASP A 351 3.30 18.41 13.28
CA ASP A 351 1.95 18.92 13.18
C ASP A 351 1.10 18.06 12.27
N HIS A 352 1.06 16.74 12.53
CA HIS A 352 0.29 15.80 11.73
C HIS A 352 0.68 15.84 10.24
N TYR A 353 1.99 15.84 9.97
CA TYR A 353 2.54 15.86 8.62
C TYR A 353 2.11 17.08 7.78
N LYS A 354 1.93 18.26 8.42
CA LYS A 354 1.52 19.45 7.68
C LYS A 354 2.46 19.78 6.52
N LYS A 355 3.79 19.88 6.78
CA LYS A 355 4.77 20.18 5.74
C LYS A 355 4.90 19.08 4.70
N TYR A 356 4.79 17.80 5.11
CA TYR A 356 4.86 16.70 4.17
C TYR A 356 3.66 16.77 3.19
N LEU A 357 2.45 16.89 3.70
CA LEU A 357 1.25 16.96 2.87
C LEU A 357 1.31 18.17 1.92
N ALA A 358 1.80 19.33 2.40
CA ALA A 358 1.92 20.51 1.54
C ALA A 358 3.02 20.29 0.45
N LYS A 359 4.18 19.73 0.84
CA LYS A 359 5.27 19.43 -0.11
C LYS A 359 4.85 18.40 -1.15
N LEU A 360 4.10 17.36 -0.75
CA LEU A 360 3.65 16.32 -1.68
C LEU A 360 2.71 16.87 -2.76
N ARG A 361 1.74 17.68 -2.37
CA ARG A 361 0.77 18.22 -3.31
C ARG A 361 1.33 19.34 -4.22
N SER A 362 2.55 19.84 -3.94
CA SER A 362 3.12 20.91 -4.73
C SER A 362 4.10 20.42 -5.81
N ILE A 363 4.68 19.22 -5.64
CA ILE A 363 5.65 18.71 -6.60
C ILE A 363 5.00 18.06 -7.86
N ASN A 364 5.81 17.86 -8.89
CA ASN A 364 5.44 17.20 -10.14
C ASN A 364 5.99 15.77 -10.12
N PRO A 365 5.40 14.87 -10.90
CA PRO A 365 5.91 13.49 -10.97
C PRO A 365 7.34 13.40 -11.52
N PRO A 366 8.08 12.32 -11.19
CA PRO A 366 7.67 11.21 -10.34
C PRO A 366 7.96 11.47 -8.86
N CYS A 367 7.31 10.69 -8.02
CA CYS A 367 7.52 10.71 -6.60
C CYS A 367 7.19 9.34 -6.04
N VAL A 368 7.61 9.08 -4.79
CA VAL A 368 7.21 7.93 -4.03
C VAL A 368 6.67 8.47 -2.71
N PRO A 369 5.34 8.51 -2.55
CA PRO A 369 4.77 9.05 -1.31
C PRO A 369 5.09 8.18 -0.09
N PHE A 370 4.98 8.79 1.10
CA PHE A 370 5.23 8.17 2.38
C PHE A 370 4.05 7.27 2.67
N PHE A 371 4.32 5.99 2.68
CA PHE A 371 3.29 4.98 2.83
C PHE A 371 2.73 4.86 4.23
N GLY A 372 3.56 5.02 5.24
CA GLY A 372 3.16 4.88 6.64
C GLY A 372 1.98 5.70 7.10
N ILE A 373 1.81 6.93 6.54
CA ILE A 373 0.72 7.82 6.91
C ILE A 373 -0.63 7.23 6.51
N TYR A 374 -0.69 6.50 5.37
CA TYR A 374 -1.90 5.84 4.92
C TYR A 374 -2.27 4.74 5.92
N LEU A 375 -1.31 3.88 6.32
CA LEU A 375 -1.54 2.85 7.35
C LEU A 375 -2.01 3.46 8.65
N THR A 376 -1.41 4.61 9.05
CA THR A 376 -1.78 5.32 10.27
C THR A 376 -3.23 5.82 10.18
N ASN A 377 -3.61 6.53 9.10
CA ASN A 377 -4.97 7.06 8.96
C ASN A 377 -6.04 6.00 8.78
N ILE A 378 -5.69 4.90 8.13
CA ILE A 378 -6.61 3.80 7.95
C ILE A 378 -6.87 3.11 9.29
N LEU A 379 -5.84 2.88 10.09
CA LEU A 379 -6.03 2.24 11.38
C LEU A 379 -6.84 3.12 12.31
N LYS A 380 -6.68 4.46 12.23
CA LYS A 380 -7.46 5.40 13.02
C LYS A 380 -8.95 5.28 12.63
N THR A 381 -9.22 5.20 11.32
CA THR A 381 -10.58 5.00 10.79
C THR A 381 -11.18 3.68 11.28
N GLU A 382 -10.43 2.57 11.13
CA GLU A 382 -10.92 1.25 11.59
C GLU A 382 -11.25 1.26 13.09
N GLU A 383 -10.39 1.90 13.90
CA GLU A 383 -10.57 1.90 15.34
C GLU A 383 -11.65 2.89 15.86
N GLY A 384 -11.87 3.98 15.13
CA GLY A 384 -12.77 5.05 15.58
C GLY A 384 -14.15 5.05 15.01
N ASN A 385 -14.51 3.97 14.31
CA ASN A 385 -15.82 3.81 13.71
C ASN A 385 -16.25 2.37 14.00
N PRO A 386 -17.53 2.16 14.34
CA PRO A 386 -17.98 0.81 14.67
C PRO A 386 -18.26 -0.03 13.42
N GLU A 387 -18.09 -1.34 13.55
CA GLU A 387 -18.32 -2.29 12.48
C GLU A 387 -19.76 -2.26 12.00
N VAL A 388 -20.70 -2.11 12.96
CA VAL A 388 -22.13 -2.07 12.69
C VAL A 388 -22.79 -0.88 13.38
N LEU A 389 -23.98 -0.48 12.88
CA LEU A 389 -24.84 0.54 13.47
C LEU A 389 -26.13 -0.14 13.89
N LYS A 390 -26.61 0.13 15.13
CA LYS A 390 -27.86 -0.50 15.59
C LYS A 390 -29.01 0.47 15.46
N ARG A 391 -30.08 0.03 14.77
CA ARG A 391 -31.32 0.78 14.58
C ARG A 391 -32.46 -0.20 14.72
N HIS A 392 -33.37 0.08 15.67
CA HIS A 392 -34.56 -0.69 16.00
C HIS A 392 -34.30 -2.17 16.30
N GLY A 393 -33.18 -2.42 16.98
CA GLY A 393 -32.77 -3.78 17.35
C GLY A 393 -32.12 -4.57 16.23
N LYS A 394 -31.92 -3.94 15.08
CA LYS A 394 -31.33 -4.61 13.92
C LYS A 394 -29.88 -4.17 13.71
N GLU A 395 -29.04 -5.05 13.17
CA GLU A 395 -27.64 -4.70 12.91
C GLU A 395 -27.46 -4.35 11.46
N LEU A 396 -26.90 -3.16 11.19
CA LEU A 396 -26.65 -2.73 9.83
C LEU A 396 -25.15 -2.57 9.65
N ILE A 397 -24.59 -3.05 8.52
CA ILE A 397 -23.16 -2.92 8.25
C ILE A 397 -22.83 -1.44 8.06
N ASN A 398 -21.78 -0.90 8.73
CA ASN A 398 -21.39 0.51 8.58
C ASN A 398 -20.62 0.69 7.25
N PHE A 399 -21.33 1.06 6.15
CA PHE A 399 -20.71 1.25 4.83
C PHE A 399 -19.89 2.54 4.74
N SER A 400 -20.29 3.59 5.47
CA SER A 400 -19.52 4.84 5.51
C SER A 400 -18.10 4.63 6.04
N LYS A 401 -17.93 3.65 6.94
CA LYS A 401 -16.64 3.31 7.51
C LYS A 401 -15.71 2.77 6.39
N ARG A 402 -16.26 1.86 5.59
CA ARG A 402 -15.59 1.23 4.47
C ARG A 402 -15.25 2.27 3.42
N ARG A 403 -16.21 3.16 3.11
CA ARG A 403 -16.02 4.24 2.15
C ARG A 403 -14.91 5.18 2.58
N LYS A 404 -14.84 5.56 3.87
CA LYS A 404 -13.76 6.44 4.35
C LYS A 404 -12.39 5.78 4.14
N VAL A 405 -12.27 4.46 4.40
CA VAL A 405 -11.05 3.67 4.20
C VAL A 405 -10.73 3.62 2.69
N ALA A 406 -11.76 3.44 1.83
CA ALA A 406 -11.63 3.36 0.36
C ALA A 406 -11.19 4.69 -0.24
N GLU A 407 -11.56 5.82 0.37
CA GLU A 407 -11.12 7.14 -0.09
C GLU A 407 -9.64 7.33 0.23
N ILE A 408 -9.16 6.82 1.38
CA ILE A 408 -7.73 6.84 1.68
C ILE A 408 -6.96 6.01 0.62
N THR A 409 -7.47 4.82 0.27
CA THR A 409 -6.83 4.00 -0.77
C THR A 409 -6.86 4.66 -2.17
N GLY A 410 -7.85 5.52 -2.42
CA GLY A 410 -7.94 6.28 -3.65
C GLY A 410 -6.81 7.29 -3.76
N GLU A 411 -6.40 7.88 -2.63
CA GLU A 411 -5.29 8.84 -2.53
C GLU A 411 -4.00 8.09 -2.87
N ILE A 412 -3.83 6.87 -2.29
CA ILE A 412 -2.72 5.98 -2.62
C ILE A 412 -2.58 5.79 -4.15
N GLN A 413 -3.66 5.35 -4.80
CA GLN A 413 -3.73 5.06 -6.22
C GLN A 413 -3.40 6.23 -7.13
N GLN A 414 -3.74 7.47 -6.72
CA GLN A 414 -3.48 8.67 -7.57
C GLN A 414 -1.97 8.85 -7.90
N TYR A 415 -1.08 8.23 -7.11
CA TYR A 415 0.37 8.32 -7.30
C TYR A 415 1.01 7.04 -7.79
N GLN A 416 0.22 6.02 -8.21
CA GLN A 416 0.82 4.74 -8.59
C GLN A 416 1.22 4.64 -10.08
N ASN A 417 1.15 5.75 -10.84
CA ASN A 417 1.52 5.69 -12.26
C ASN A 417 2.65 6.67 -12.55
N GLN A 418 3.63 6.72 -11.67
CA GLN A 418 4.75 7.64 -11.82
C GLN A 418 6.09 6.92 -11.98
N PRO A 419 6.41 6.49 -13.21
CA PRO A 419 7.69 5.81 -13.42
C PRO A 419 8.88 6.76 -13.39
N TYR A 420 10.01 6.29 -12.82
CA TYR A 420 11.22 7.07 -12.78
C TYR A 420 12.07 6.87 -14.03
N CYS A 421 12.78 7.93 -14.43
CA CYS A 421 13.66 7.86 -15.58
C CYS A 421 15.04 7.39 -15.08
N LEU A 422 15.05 6.22 -14.42
CA LEU A 422 16.27 5.66 -13.86
C LEU A 422 16.43 4.22 -14.34
N ARG A 423 17.70 3.80 -14.63
CA ARG A 423 18.00 2.45 -15.04
C ARG A 423 18.16 1.57 -13.82
N VAL A 424 17.65 0.37 -13.88
CA VAL A 424 17.80 -0.62 -12.84
C VAL A 424 19.20 -1.22 -12.94
N GLU A 425 19.83 -1.47 -11.79
CA GLU A 425 21.09 -2.17 -11.73
C GLU A 425 20.70 -3.44 -10.94
N SER A 426 20.61 -4.60 -11.64
CA SER A 426 20.14 -5.88 -11.07
C SER A 426 20.87 -6.33 -9.80
N ASP A 427 22.18 -6.19 -9.77
CA ASP A 427 23.00 -6.57 -8.61
C ASP A 427 22.76 -5.66 -7.39
N ILE A 428 22.60 -4.33 -7.60
CA ILE A 428 22.32 -3.43 -6.49
C ILE A 428 20.86 -3.66 -5.98
N LYS A 429 19.90 -3.78 -6.93
CA LYS A 429 18.50 -4.07 -6.63
C LYS A 429 18.37 -5.35 -5.73
N ARG A 430 19.07 -6.43 -6.10
CA ARG A 430 19.15 -7.72 -5.40
C ARG A 430 19.70 -7.51 -3.97
N PHE A 431 20.75 -6.71 -3.82
CA PHE A 431 21.36 -6.40 -2.54
C PHE A 431 20.36 -5.82 -1.56
N PHE A 432 19.57 -4.83 -2.00
CA PHE A 432 18.56 -4.20 -1.19
C PHE A 432 17.34 -5.06 -0.99
N GLU A 433 16.98 -5.87 -1.98
CA GLU A 433 15.85 -6.79 -1.84
C GLU A 433 16.11 -7.89 -0.78
N ASN A 434 17.38 -8.29 -0.65
CA ASN A 434 17.81 -9.35 0.24
C ASN A 434 18.27 -8.86 1.61
N LEU A 435 18.05 -7.57 1.97
CA LEU A 435 18.46 -7.06 3.28
C LEU A 435 17.80 -7.85 4.40
N ASN A 436 18.60 -8.40 5.31
CA ASN A 436 18.08 -9.13 6.44
C ASN A 436 18.86 -8.74 7.72
N PRO A 437 18.75 -7.47 8.18
CA PRO A 437 19.49 -7.07 9.40
C PRO A 437 19.17 -7.92 10.64
N MET A 438 17.93 -8.41 10.75
CA MET A 438 17.52 -9.19 11.90
C MET A 438 18.09 -10.59 11.95
N GLY A 439 18.51 -11.12 10.81
CA GLY A 439 19.05 -12.48 10.74
C GLY A 439 18.02 -13.50 11.18
N ASN A 440 18.41 -14.34 12.15
CA ASN A 440 17.52 -15.36 12.68
C ASN A 440 16.83 -14.91 14.00
N SER A 441 16.83 -13.60 14.30
CA SER A 441 16.26 -13.07 15.54
C SER A 441 14.84 -12.53 15.41
N MET A 442 14.12 -12.46 16.54
CA MET A 442 12.81 -11.81 16.64
C MET A 442 13.10 -10.30 16.49
N GLU A 443 12.11 -9.50 16.03
CA GLU A 443 12.34 -8.05 15.90
C GLU A 443 12.67 -7.38 17.23
N LYS A 444 11.89 -7.68 18.30
CA LYS A 444 12.14 -7.08 19.61
C LYS A 444 13.51 -7.45 20.13
N GLU A 445 13.92 -8.73 20.01
CA GLU A 445 15.25 -9.16 20.46
C GLU A 445 16.36 -8.44 19.72
N PHE A 446 16.16 -8.14 18.44
CA PHE A 446 17.18 -7.46 17.64
C PHE A 446 17.20 -5.95 17.95
N THR A 447 16.04 -5.32 18.23
CA THR A 447 16.00 -3.90 18.59
C THR A 447 16.57 -3.71 19.99
N ASP A 448 16.40 -4.71 20.90
CA ASP A 448 17.00 -4.71 22.23
C ASP A 448 18.53 -4.75 22.08
N TYR A 449 19.04 -5.59 21.16
CA TYR A 449 20.48 -5.68 20.89
C TYR A 449 21.00 -4.37 20.30
N LEU A 450 20.24 -3.70 19.42
CA LEU A 450 20.68 -2.44 18.82
C LEU A 450 20.86 -1.38 19.88
N PHE A 451 19.92 -1.31 20.85
CA PHE A 451 20.01 -0.35 21.94
C PHE A 451 21.19 -0.69 22.85
N ASN A 452 21.41 -1.99 23.16
CA ASN A 452 22.55 -2.38 23.99
C ASN A 452 23.88 -2.04 23.32
N LYS A 453 23.97 -2.18 21.96
CA LYS A 453 25.18 -1.81 21.20
C LYS A 453 25.41 -0.29 21.29
N SER A 454 24.33 0.49 21.27
CA SER A 454 24.35 1.94 21.39
C SER A 454 24.90 2.31 22.75
N LEU A 455 24.43 1.65 23.81
CA LEU A 455 24.92 1.88 25.17
C LEU A 455 26.41 1.53 25.30
N GLU A 456 26.85 0.50 24.59
CA GLU A 456 28.25 0.09 24.58
C GLU A 456 29.17 1.11 23.85
N ILE A 457 28.80 1.55 22.64
CA ILE A 457 29.62 2.45 21.86
C ILE A 457 29.61 3.88 22.43
N GLU A 458 28.48 4.30 23.03
CA GLU A 458 28.36 5.60 23.70
C GLU A 458 27.67 5.43 25.07
N PRO A 459 28.43 5.07 26.12
CA PRO A 459 27.80 4.86 27.45
C PRO A 459 27.05 6.04 28.03
N ASN A 461 26.37 8.25 30.64
CA ASN A 461 26.79 9.31 31.56
C ASN A 461 26.47 8.92 32.98
N PRO A 462 27.41 9.14 33.93
CA PRO A 462 28.74 9.75 33.74
C PRO A 462 29.83 8.77 33.32
N LYS A 463 29.47 7.61 32.74
CA LYS A 463 30.46 6.62 32.33
C LYS A 463 31.35 7.15 31.21
N PRO A 464 32.66 6.80 31.23
CA PRO A 464 33.58 7.34 30.21
C PRO A 464 33.34 6.79 28.81
N LEU A 465 33.86 7.50 27.79
CA LEU A 465 33.67 7.13 26.38
C LEU A 465 34.86 6.34 25.90
N PRO A 466 34.70 5.02 25.72
CA PRO A 466 35.84 4.21 25.24
C PRO A 466 36.16 4.46 23.77
N ARG A 467 37.40 4.17 23.38
CA ARG A 467 37.86 4.27 22.00
C ARG A 467 37.84 2.84 21.46
N PHE A 468 37.35 2.67 20.22
CA PHE A 468 37.19 1.39 19.56
C PHE A 468 38.01 1.32 18.26
N PRO A 469 38.50 0.13 17.86
CA PRO A 469 39.30 0.05 16.63
C PRO A 469 38.50 0.25 15.36
N LYS A 470 39.20 0.62 14.29
CA LYS A 470 38.58 0.81 12.99
C LYS A 470 38.23 -0.56 12.37
N LYS A 471 37.07 -0.66 11.74
CA LYS A 471 36.60 -1.89 11.08
C LYS A 471 36.68 -1.76 9.55
N TYR A 472 36.67 -0.54 8.99
CA TYR A 472 36.72 -0.36 7.54
C TYR A 472 38.15 -0.24 7.03
N SER A 473 38.50 -1.10 6.09
CA SER A 473 39.83 -1.08 5.50
C SER A 473 39.84 -0.44 4.12
N TYR A 474 39.05 0.60 3.94
CA TYR A 474 38.98 1.36 2.68
C TYR A 474 38.69 2.85 2.98
N PRO A 475 38.84 3.77 2.01
CA PRO A 475 38.60 5.20 2.31
C PRO A 475 37.18 5.54 2.75
N LEU A 476 37.08 6.34 3.81
CA LEU A 476 35.79 6.76 4.35
C LEU A 476 35.21 7.98 3.62
N LYS A 477 36.01 8.72 2.83
CA LYS A 477 35.50 9.88 2.13
C LYS A 477 34.41 9.53 1.08
N SER A 478 33.31 10.28 1.12
CA SER A 478 32.20 10.09 0.20
C SER A 478 32.54 10.70 -1.14
N PRO A 479 32.07 10.07 -2.25
CA PRO A 479 32.26 10.70 -3.56
C PRO A 479 31.31 11.90 -3.81
N GLY A 480 30.44 12.21 -2.82
CA GLY A 480 29.47 13.29 -2.86
C GLY A 480 28.15 12.89 -3.53
N VAL A 481 27.23 13.85 -3.69
CA VAL A 481 25.93 13.56 -4.31
C VAL A 481 25.71 14.26 -5.66
N ARG A 482 26.77 14.79 -6.26
CA ARG A 482 26.68 15.44 -7.55
C ARG A 482 26.95 14.43 -8.67
N PRO A 483 26.01 14.27 -9.62
CA PRO A 483 26.24 13.32 -10.73
C PRO A 483 27.42 13.71 -11.64
N SER A 484 27.81 12.81 -12.56
CA SER A 484 28.96 13.00 -13.45
C SER A 484 28.72 13.76 -14.80
N ASN A 485 27.70 14.62 -14.89
CA ASN A 485 27.41 15.40 -16.14
C ASN A 485 26.96 14.50 -17.31
#